data_4PNE
#
_entry.id   4PNE
#
_cell.length_a   41.740
_cell.length_b   69.350
_cell.length_c   83.630
_cell.angle_alpha   90.00
_cell.angle_beta   97.49
_cell.angle_gamma   90.00
#
_symmetry.space_group_name_H-M   'P 1 21 1'
#
loop_
_entity.id
_entity.type
_entity.pdbx_description
1 polymer 'Methyltransferase-like protein'
2 non-polymer S-ADENOSYL-L-HOMOCYSTEINE
3 non-polymer 'MALONATE ION'
4 water water
#
_entity_poly.entity_id   1
_entity_poly.type   'polypeptide(L)'
_entity_poly.pdbx_seq_one_letter_code
;MGSSHHHHHHSSGLVPRGSHMQRSGIPVLPGGAPTSQQVGQMYDLVTPLLNSVAGGPCAIHHGYWENDGRASWQQAADRL
TDLVAERTVLDGGVRLLDVGCGTGQPALRVARDNAIQITGITVSQVQVAIAADCARERGLSHRVDFSCVDAMSLPYPDNA
FDAAWAMQSLLEMSEPDRAIREILRVLKPGGILGVTEVVKREAGGGMPVSGDRWPTGLRICLAEQLLESLRAAGFEILDW
EDVSSRTRYFMPQFAEELAAHQHGIADRYGPAVAGWAAAVCDYEKYAHDMGYAILTARKPVG
;
_entity_poly.pdbx_strand_id   A,B
#
# COMPACT_ATOMS: atom_id res chain seq x y z
N ARG A 23 0.80 27.01 -30.58
CA ARG A 23 2.17 26.66 -30.92
C ARG A 23 2.90 25.87 -29.82
N SER A 24 3.11 26.47 -28.65
CA SER A 24 3.90 25.80 -27.63
C SER A 24 3.11 24.70 -26.95
N GLY A 25 3.82 23.63 -26.57
CA GLY A 25 3.22 22.51 -25.88
C GLY A 25 3.52 22.50 -24.39
N ILE A 26 3.35 21.34 -23.76
CA ILE A 26 3.64 21.17 -22.33
C ILE A 26 5.10 21.51 -22.11
N PRO A 27 5.40 22.45 -21.20
CA PRO A 27 6.82 22.73 -20.95
C PRO A 27 7.50 21.52 -20.32
N VAL A 28 8.64 21.09 -20.85
CA VAL A 28 9.35 19.96 -20.27
C VAL A 28 10.85 20.19 -20.22
N ALA A 33 13.23 16.49 -13.98
CA ALA A 33 11.95 16.15 -13.39
C ALA A 33 12.02 14.83 -12.62
N PRO A 34 11.18 14.67 -11.59
CA PRO A 34 11.12 13.39 -10.86
C PRO A 34 10.83 12.20 -11.79
N THR A 35 11.48 11.07 -11.52
CA THR A 35 11.24 9.82 -12.27
C THR A 35 9.91 9.20 -11.86
N SER A 36 9.43 8.27 -12.67
N SER A 36 9.43 8.26 -12.66
CA SER A 36 8.21 7.53 -12.37
CA SER A 36 8.18 7.57 -12.34
C SER A 36 8.32 6.80 -11.03
C SER A 36 8.32 6.80 -11.02
N GLN A 37 9.49 6.25 -10.75
CA GLN A 37 9.73 5.58 -9.47
C GLN A 37 9.62 6.58 -8.30
N GLN A 38 10.18 7.77 -8.50
CA GLN A 38 10.14 8.82 -7.50
C GLN A 38 8.72 9.32 -7.26
N VAL A 39 7.96 9.46 -8.34
CA VAL A 39 6.57 9.84 -8.20
C VAL A 39 5.84 8.73 -7.43
N GLY A 40 6.05 7.47 -7.76
CA GLY A 40 5.39 6.38 -7.05
C GLY A 40 5.73 6.40 -5.57
N GLN A 41 6.99 6.65 -5.28
CA GLN A 41 7.45 6.73 -3.89
C GLN A 41 6.76 7.86 -3.14
N MET A 42 6.61 9.01 -3.80
CA MET A 42 5.97 10.14 -3.15
C MET A 42 4.55 9.76 -2.80
N TYR A 43 3.84 9.16 -3.75
CA TYR A 43 2.47 8.75 -3.46
C TYR A 43 2.42 7.62 -2.43
N ASP A 44 3.43 6.77 -2.42
CA ASP A 44 3.50 5.71 -1.38
C ASP A 44 3.50 6.36 0.02
N LEU A 45 4.25 7.44 0.13
CA LEU A 45 4.41 8.17 1.38
C LEU A 45 3.20 8.98 1.76
N VAL A 46 2.56 9.65 0.82
CA VAL A 46 1.50 10.61 1.12
C VAL A 46 0.12 9.94 1.19
N THR A 47 0.00 8.73 0.65
CA THR A 47 -1.31 8.07 0.64
C THR A 47 -2.01 7.95 1.98
N PRO A 48 -1.31 7.48 3.03
CA PRO A 48 -2.00 7.37 4.32
C PRO A 48 -2.52 8.73 4.83
N LEU A 49 -1.80 9.82 4.53
CA LEU A 49 -2.22 11.15 4.93
C LEU A 49 -3.47 11.55 4.15
N LEU A 50 -3.47 11.33 2.84
CA LEU A 50 -4.65 11.66 2.03
C LEU A 50 -5.86 10.89 2.48
N ASN A 51 -5.66 9.60 2.74
CA ASN A 51 -6.78 8.79 3.22
C ASN A 51 -7.31 9.28 4.56
N SER A 52 -6.41 9.66 5.45
CA SER A 52 -6.81 10.20 6.74
C SER A 52 -7.62 11.48 6.57
N VAL A 53 -7.11 12.39 5.76
CA VAL A 53 -7.84 13.65 5.52
C VAL A 53 -9.24 13.40 4.92
N ALA A 54 -9.31 12.44 4.00
CA ALA A 54 -10.53 12.17 3.24
C ALA A 54 -11.56 11.31 3.96
N GLY A 55 -11.12 10.59 4.99
CA GLY A 55 -11.94 9.60 5.66
C GLY A 55 -11.98 8.23 5.00
N GLY A 56 -10.94 7.89 4.23
CA GLY A 56 -10.80 6.62 3.52
C GLY A 56 -10.20 6.86 2.14
N PRO A 57 -10.03 5.79 1.34
CA PRO A 57 -9.49 5.94 -0.01
C PRO A 57 -10.34 6.93 -0.77
N CYS A 58 -9.72 7.86 -1.47
CA CYS A 58 -10.39 9.03 -2.01
C CYS A 58 -9.99 9.36 -3.44
N ALA A 59 -10.82 10.15 -4.10
CA ALA A 59 -10.41 10.86 -5.32
C ALA A 59 -9.21 11.77 -5.03
N ILE A 60 -8.22 11.76 -5.92
CA ILE A 60 -7.10 12.67 -5.83
C ILE A 60 -7.16 13.61 -7.04
N HIS A 61 -8.27 14.31 -7.13
CA HIS A 61 -8.42 15.36 -8.13
C HIS A 61 -9.35 16.43 -7.57
N HIS A 62 -9.35 17.60 -8.21
CA HIS A 62 -10.12 18.75 -7.76
C HIS A 62 -11.62 18.49 -7.82
N GLY A 63 -12.37 19.16 -6.97
CA GLY A 63 -13.82 19.11 -7.06
C GLY A 63 -14.35 20.10 -8.09
N TYR A 64 -15.57 19.83 -8.54
CA TYR A 64 -16.31 20.68 -9.45
C TYR A 64 -17.64 21.01 -8.79
N TRP A 65 -17.88 22.31 -8.59
CA TRP A 65 -19.07 22.79 -7.91
C TRP A 65 -20.01 23.48 -8.88
N GLU A 66 -21.31 23.35 -8.58
CA GLU A 66 -22.37 24.02 -9.34
C GLU A 66 -22.77 25.38 -8.76
N ASN A 67 -22.38 25.65 -7.54
CA ASN A 67 -22.70 26.90 -6.85
C ASN A 67 -21.49 27.38 -6.06
N ASP A 68 -21.72 28.13 -4.98
CA ASP A 68 -20.62 28.79 -4.29
C ASP A 68 -19.94 27.92 -3.25
N GLY A 69 -19.52 26.71 -3.66
CA GLY A 69 -18.67 25.87 -2.84
C GLY A 69 -19.34 25.08 -1.73
N ARG A 70 -20.65 24.89 -1.82
CA ARG A 70 -21.41 24.32 -0.69
C ARG A 70 -21.07 22.84 -0.42
N ALA A 71 -21.04 22.03 -1.47
CA ALA A 71 -20.74 20.60 -1.33
C ALA A 71 -19.34 20.37 -0.75
N SER A 72 -19.16 19.25 -0.07
CA SER A 72 -17.84 18.82 0.36
C SER A 72 -16.92 18.61 -0.83
N TRP A 73 -15.61 18.72 -0.64
CA TRP A 73 -14.71 18.51 -1.75
C TRP A 73 -14.84 17.07 -2.27
N GLN A 74 -15.09 16.10 -1.40
CA GLN A 74 -15.27 14.75 -1.86
C GLN A 74 -16.48 14.64 -2.79
N GLN A 75 -17.59 15.24 -2.41
CA GLN A 75 -18.76 15.25 -3.25
C GLN A 75 -18.49 15.90 -4.60
N ALA A 76 -17.79 17.04 -4.56
CA ALA A 76 -17.46 17.80 -5.76
C ALA A 76 -16.47 17.03 -6.65
N ALA A 77 -15.56 16.30 -6.04
CA ALA A 77 -14.67 15.43 -6.80
C ALA A 77 -15.47 14.33 -7.50
N ASP A 78 -16.51 13.82 -6.85
CA ASP A 78 -17.33 12.79 -7.50
C ASP A 78 -18.07 13.40 -8.71
N ARG A 79 -18.44 14.67 -8.62
CA ARG A 79 -19.11 15.33 -9.74
C ARG A 79 -18.16 15.41 -10.92
N LEU A 80 -16.92 15.74 -10.66
CA LEU A 80 -15.93 15.82 -11.73
C LEU A 80 -15.79 14.45 -12.37
N THR A 81 -15.67 13.42 -11.56
CA THR A 81 -15.59 12.06 -12.08
C THR A 81 -16.75 11.75 -13.02
N ASP A 82 -17.96 12.11 -12.59
CA ASP A 82 -19.18 11.84 -13.39
C ASP A 82 -19.16 12.59 -14.71
N LEU A 83 -18.68 13.82 -14.70
CA LEU A 83 -18.55 14.59 -15.93
C LEU A 83 -17.58 13.94 -16.90
N VAL A 84 -16.46 13.46 -16.38
CA VAL A 84 -15.49 12.79 -17.22
C VAL A 84 -16.09 11.49 -17.78
N ALA A 85 -16.79 10.73 -16.95
CA ALA A 85 -17.37 9.49 -17.43
C ALA A 85 -18.40 9.75 -18.52
N GLU A 86 -19.21 10.80 -18.37
CA GLU A 86 -20.19 11.16 -19.40
C GLU A 86 -19.56 11.31 -20.76
N ARG A 87 -18.35 11.85 -20.78
CA ARG A 87 -17.68 12.26 -22.01
C ARG A 87 -16.86 11.12 -22.62
N THR A 88 -16.69 10.03 -21.87
CA THR A 88 -15.72 9.01 -22.24
C THR A 88 -16.28 7.58 -22.24
N VAL A 89 -17.33 7.32 -21.50
CA VAL A 89 -17.89 5.97 -21.42
C VAL A 89 -19.16 6.02 -22.25
N LEU A 90 -19.06 5.57 -23.49
CA LEU A 90 -20.10 5.85 -24.45
C LEU A 90 -21.05 4.67 -24.63
N ASP A 91 -20.72 3.53 -24.02
CA ASP A 91 -21.55 2.35 -24.11
C ASP A 91 -21.16 1.37 -23.02
N GLY A 92 -21.99 0.35 -22.78
CA GLY A 92 -21.56 -0.77 -21.97
C GLY A 92 -20.58 -1.62 -22.80
N GLY A 93 -19.78 -2.44 -22.13
CA GLY A 93 -18.98 -3.45 -22.80
C GLY A 93 -17.72 -2.95 -23.45
N VAL A 94 -17.27 -1.78 -23.02
CA VAL A 94 -16.02 -1.19 -23.51
C VAL A 94 -14.90 -1.45 -22.51
N ARG A 95 -13.67 -1.28 -22.97
CA ARG A 95 -12.48 -1.41 -22.16
C ARG A 95 -11.87 -0.02 -22.05
N LEU A 96 -11.58 0.41 -20.83
CA LEU A 96 -11.10 1.75 -20.52
C LEU A 96 -9.77 1.68 -19.77
N LEU A 97 -8.77 2.45 -20.19
CA LEU A 97 -7.50 2.58 -19.46
C LEU A 97 -7.52 3.84 -18.59
N ASP A 98 -7.42 3.67 -17.28
CA ASP A 98 -7.36 4.75 -16.32
C ASP A 98 -5.87 5.04 -16.01
N VAL A 99 -5.35 6.06 -16.67
CA VAL A 99 -3.93 6.37 -16.69
C VAL A 99 -3.60 7.21 -15.46
N GLY A 100 -2.97 6.60 -14.47
CA GLY A 100 -2.75 7.29 -13.21
C GLY A 100 -3.97 7.24 -12.32
N CYS A 101 -4.30 6.06 -11.84
CA CYS A 101 -5.62 5.79 -11.33
C CYS A 101 -5.78 6.14 -9.84
N GLY A 102 -4.72 6.62 -9.20
CA GLY A 102 -4.77 6.94 -7.78
C GLY A 102 -5.14 5.69 -6.98
N THR A 103 -5.99 5.86 -5.98
CA THR A 103 -6.42 4.71 -5.16
C THR A 103 -7.56 3.94 -5.82
N GLY A 104 -7.90 4.32 -7.05
CA GLY A 104 -8.97 3.67 -7.77
C GLY A 104 -10.38 4.15 -7.44
N GLN A 105 -10.51 5.20 -6.60
CA GLN A 105 -11.85 5.57 -6.19
C GLN A 105 -12.74 6.02 -7.39
N PRO A 106 -12.23 6.84 -8.32
CA PRO A 106 -13.05 7.23 -9.45
C PRO A 106 -13.38 6.04 -10.36
N ALA A 107 -12.43 5.15 -10.61
CA ALA A 107 -12.73 3.96 -11.42
C ALA A 107 -13.83 3.12 -10.79
N LEU A 108 -13.76 2.92 -9.48
CA LEU A 108 -14.75 2.11 -8.81
C LEU A 108 -16.10 2.79 -8.76
N ARG A 109 -16.11 4.12 -8.71
CA ARG A 109 -17.38 4.84 -8.76
C ARG A 109 -18.12 4.59 -10.06
N VAL A 110 -17.37 4.66 -11.15
CA VAL A 110 -17.92 4.47 -12.49
C VAL A 110 -18.27 3.00 -12.72
N ALA A 111 -17.45 2.09 -12.20
CA ALA A 111 -17.68 0.67 -12.39
C ALA A 111 -18.93 0.20 -11.65
N ARG A 112 -19.34 0.91 -10.61
CA ARG A 112 -20.54 0.46 -9.88
C ARG A 112 -21.75 0.38 -10.82
N ASP A 113 -21.88 1.34 -11.72
CA ASP A 113 -23.11 1.54 -12.51
C ASP A 113 -22.89 1.34 -14.01
N ASN A 114 -21.69 0.90 -14.38
CA ASN A 114 -21.38 0.66 -15.80
C ASN A 114 -20.72 -0.70 -15.98
N ALA A 115 -21.35 -1.55 -16.82
CA ALA A 115 -20.79 -2.85 -17.11
C ALA A 115 -19.68 -2.74 -18.16
N ILE A 116 -18.54 -2.26 -17.71
CA ILE A 116 -17.33 -2.08 -18.51
C ILE A 116 -16.17 -2.69 -17.81
N GLN A 117 -15.03 -2.71 -18.50
CA GLN A 117 -13.79 -3.21 -17.94
C GLN A 117 -12.78 -2.06 -17.87
N ILE A 118 -12.35 -1.73 -16.65
CA ILE A 118 -11.37 -0.69 -16.43
C ILE A 118 -10.07 -1.32 -15.99
N THR A 119 -9.02 -0.97 -16.73
CA THR A 119 -7.64 -1.27 -16.37
C THR A 119 -7.08 0.01 -15.77
N GLY A 120 -6.79 0.04 -14.46
CA GLY A 120 -6.24 1.21 -13.80
C GLY A 120 -4.76 1.04 -13.59
N ILE A 121 -3.95 2.00 -14.00
CA ILE A 121 -2.52 1.93 -13.81
C ILE A 121 -2.00 3.10 -12.98
N THR A 122 -1.03 2.79 -12.13
CA THR A 122 -0.38 3.81 -11.33
C THR A 122 1.07 3.38 -11.09
N VAL A 123 1.92 4.31 -10.73
CA VAL A 123 3.32 3.96 -10.42
C VAL A 123 3.55 3.76 -8.93
N SER A 124 2.49 3.90 -8.16
CA SER A 124 2.53 3.71 -6.73
C SER A 124 2.05 2.32 -6.34
N GLN A 125 2.91 1.49 -5.74
CA GLN A 125 2.49 0.17 -5.28
C GLN A 125 1.51 0.23 -4.11
N VAL A 126 1.63 1.27 -3.28
CA VAL A 126 0.66 1.51 -2.26
C VAL A 126 -0.70 1.67 -2.88
N GLN A 127 -0.81 2.50 -3.91
CA GLN A 127 -2.13 2.70 -4.54
C GLN A 127 -2.67 1.42 -5.21
N VAL A 128 -1.81 0.65 -5.85
CA VAL A 128 -2.24 -0.60 -6.45
C VAL A 128 -2.89 -1.49 -5.40
N ALA A 129 -2.20 -1.66 -4.28
CA ALA A 129 -2.70 -2.51 -3.22
C ALA A 129 -4.03 -2.04 -2.63
N ILE A 130 -4.15 -0.73 -2.38
CA ILE A 130 -5.37 -0.17 -1.83
C ILE A 130 -6.52 -0.31 -2.83
N ALA A 131 -6.25 0.02 -4.08
CA ALA A 131 -7.24 -0.04 -5.14
C ALA A 131 -7.78 -1.47 -5.29
N ALA A 132 -6.87 -2.43 -5.33
CA ALA A 132 -7.29 -3.83 -5.51
C ALA A 132 -8.13 -4.31 -4.30
N ASP A 133 -7.74 -3.94 -3.08
CA ASP A 133 -8.52 -4.30 -1.90
C ASP A 133 -9.90 -3.69 -1.92
N CYS A 134 -9.98 -2.42 -2.31
CA CYS A 134 -11.26 -1.72 -2.42
C CYS A 134 -12.16 -2.40 -3.45
N ALA A 135 -11.58 -2.82 -4.56
CA ALA A 135 -12.34 -3.55 -5.58
C ALA A 135 -12.97 -4.82 -5.01
N ARG A 136 -12.18 -5.54 -4.20
CA ARG A 136 -12.65 -6.74 -3.55
C ARG A 136 -13.78 -6.43 -2.58
N GLU A 137 -13.53 -5.44 -1.72
CA GLU A 137 -14.49 -5.08 -0.69
C GLU A 137 -15.82 -4.65 -1.29
N ARG A 138 -15.76 -3.96 -2.41
CA ARG A 138 -16.97 -3.46 -3.07
C ARG A 138 -17.64 -4.44 -4.04
N GLY A 139 -17.04 -5.61 -4.23
CA GLY A 139 -17.55 -6.57 -5.16
C GLY A 139 -17.49 -6.09 -6.60
N LEU A 140 -16.41 -5.40 -6.99
CA LEU A 140 -16.30 -4.87 -8.35
C LEU A 140 -15.05 -5.35 -9.11
N SER A 141 -14.37 -6.37 -8.59
CA SER A 141 -13.14 -6.83 -9.22
C SER A 141 -13.40 -7.52 -10.58
N HIS A 142 -14.64 -7.89 -10.87
CA HIS A 142 -14.97 -8.41 -12.23
C HIS A 142 -14.96 -7.33 -13.30
N ARG A 143 -15.01 -6.07 -12.87
CA ARG A 143 -15.02 -4.92 -13.78
C ARG A 143 -13.75 -4.10 -13.74
N VAL A 144 -13.03 -4.08 -12.62
CA VAL A 144 -11.88 -3.20 -12.50
C VAL A 144 -10.69 -3.97 -11.98
N ASP A 145 -9.54 -3.79 -12.62
CA ASP A 145 -8.29 -4.29 -12.06
C ASP A 145 -7.20 -3.22 -12.15
N PHE A 146 -6.22 -3.38 -11.27
CA PHE A 146 -5.20 -2.40 -11.06
C PHE A 146 -3.82 -2.99 -11.14
N SER A 147 -2.90 -2.24 -11.75
CA SER A 147 -1.53 -2.66 -11.89
C SER A 147 -0.54 -1.53 -11.80
N CYS A 148 0.69 -1.89 -11.45
CA CYS A 148 1.79 -0.95 -11.37
C CYS A 148 2.48 -0.87 -12.72
N VAL A 149 2.13 0.16 -13.47
CA VAL A 149 2.51 0.33 -14.86
C VAL A 149 2.85 1.80 -15.09
N ASP A 150 3.96 2.04 -15.79
CA ASP A 150 4.39 3.37 -16.20
C ASP A 150 3.74 3.75 -17.53
N ALA A 151 2.98 4.83 -17.54
CA ALA A 151 2.25 5.25 -18.73
C ALA A 151 3.16 5.66 -19.86
N MET A 152 4.43 5.93 -19.57
CA MET A 152 5.36 6.29 -20.63
C MET A 152 5.83 5.05 -21.39
N SER A 153 5.45 3.87 -20.87
CA SER A 153 5.74 2.61 -21.55
C SER A 153 4.70 1.54 -21.25
N LEU A 154 3.64 1.52 -22.05
CA LEU A 154 2.50 0.67 -21.77
C LEU A 154 2.73 -0.72 -22.32
N PRO A 155 2.38 -1.76 -21.54
CA PRO A 155 2.60 -3.14 -21.99
C PRO A 155 1.57 -3.62 -23.01
N TYR A 156 0.57 -2.80 -23.29
CA TYR A 156 -0.59 -3.24 -24.03
C TYR A 156 -0.36 -3.18 -25.53
N PRO A 157 -1.04 -4.04 -26.28
CA PRO A 157 -0.94 -3.98 -27.74
C PRO A 157 -1.58 -2.71 -28.30
N ASP A 158 -1.16 -2.33 -29.50
CA ASP A 158 -1.85 -1.27 -30.22
C ASP A 158 -3.35 -1.54 -30.27
N ASN A 159 -4.16 -0.49 -30.23
CA ASN A 159 -5.60 -0.62 -30.50
C ASN A 159 -6.29 -1.61 -29.55
N ALA A 160 -6.03 -1.46 -28.25
CA ALA A 160 -6.57 -2.33 -27.19
C ALA A 160 -7.77 -1.74 -26.44
N PHE A 161 -7.85 -0.40 -26.35
CA PHE A 161 -8.82 0.24 -25.48
C PHE A 161 -9.80 1.11 -26.23
N ASP A 162 -11.07 1.09 -25.82
CA ASP A 162 -12.09 1.96 -26.38
C ASP A 162 -11.99 3.40 -25.87
N ALA A 163 -11.45 3.56 -24.67
CA ALA A 163 -11.37 4.87 -24.03
C ALA A 163 -10.27 4.89 -23.02
N ALA A 164 -9.95 6.10 -22.58
CA ALA A 164 -8.97 6.32 -21.56
C ALA A 164 -9.29 7.56 -20.75
N TRP A 165 -8.83 7.58 -19.51
CA TRP A 165 -8.82 8.76 -18.65
C TRP A 165 -7.37 9.16 -18.33
N ALA A 166 -7.12 10.48 -18.19
CA ALA A 166 -5.93 10.94 -17.49
C ALA A 166 -6.41 12.12 -16.66
N MET A 167 -6.90 11.79 -15.46
CA MET A 167 -7.40 12.77 -14.52
C MET A 167 -6.29 13.16 -13.59
N GLN A 168 -5.66 14.30 -13.92
CA GLN A 168 -4.53 14.90 -13.22
C GLN A 168 -3.33 13.97 -13.09
N SER A 169 -3.02 13.25 -14.17
CA SER A 169 -1.83 12.40 -14.17
C SER A 169 -0.74 12.84 -15.17
N LEU A 170 -1.10 13.41 -16.32
CA LEU A 170 -0.08 13.68 -17.34
C LEU A 170 0.98 14.66 -16.87
N LEU A 171 0.61 15.66 -16.10
CA LEU A 171 1.60 16.66 -15.74
C LEU A 171 2.58 16.17 -14.66
N GLU A 172 2.31 15.02 -14.07
CA GLU A 172 3.24 14.40 -13.13
C GLU A 172 4.34 13.61 -13.80
N MET A 173 4.23 13.42 -15.10
CA MET A 173 5.15 12.54 -15.78
C MET A 173 6.39 13.26 -16.26
N SER A 174 7.53 12.60 -16.28
CA SER A 174 8.77 13.27 -16.67
C SER A 174 8.68 13.68 -18.13
N GLU A 175 8.05 12.85 -18.94
CA GLU A 175 7.92 13.10 -20.38
C GLU A 175 6.47 12.89 -20.79
N PRO A 176 5.62 13.91 -20.59
CA PRO A 176 4.18 13.75 -20.84
C PRO A 176 3.89 13.44 -22.29
N ASP A 177 4.71 13.94 -23.20
CA ASP A 177 4.43 13.73 -24.62
C ASP A 177 4.57 12.29 -24.96
N ARG A 178 5.49 11.61 -24.29
CA ARG A 178 5.72 10.19 -24.48
C ARG A 178 4.52 9.40 -24.01
N ALA A 179 3.99 9.74 -22.85
CA ALA A 179 2.78 9.08 -22.36
C ALA A 179 1.59 9.35 -23.30
N ILE A 180 1.47 10.57 -23.79
CA ILE A 180 0.38 10.89 -24.68
C ILE A 180 0.43 10.03 -25.96
N ARG A 181 1.62 9.87 -26.54
CA ARG A 181 1.77 9.02 -27.71
C ARG A 181 1.44 7.55 -27.38
N GLU A 182 1.75 7.09 -26.17
CA GLU A 182 1.43 5.72 -25.80
C GLU A 182 -0.07 5.52 -25.67
N ILE A 183 -0.74 6.50 -25.08
CA ILE A 183 -2.19 6.41 -24.96
C ILE A 183 -2.82 6.34 -26.36
N LEU A 184 -2.33 7.20 -27.27
CA LEU A 184 -2.85 7.17 -28.63
C LEU A 184 -2.62 5.81 -29.26
N ARG A 185 -1.44 5.24 -29.04
CA ARG A 185 -1.10 3.93 -29.59
C ARG A 185 -2.08 2.85 -29.14
N VAL A 186 -2.35 2.77 -27.83
CA VAL A 186 -3.17 1.67 -27.30
C VAL A 186 -4.67 1.92 -27.40
N LEU A 187 -5.11 3.15 -27.71
CA LEU A 187 -6.51 3.38 -28.05
C LEU A 187 -6.81 2.76 -29.41
N LYS A 188 -8.04 2.27 -29.56
CA LYS A 188 -8.56 1.84 -30.85
C LYS A 188 -8.85 3.07 -31.69
N PRO A 189 -8.90 2.91 -33.02
CA PRO A 189 -9.33 4.06 -33.83
C PRO A 189 -10.69 4.55 -33.40
N GLY A 190 -10.80 5.87 -33.25
CA GLY A 190 -12.01 6.46 -32.72
C GLY A 190 -12.10 6.48 -31.20
N GLY A 191 -11.17 5.81 -30.51
CA GLY A 191 -11.16 5.78 -29.06
C GLY A 191 -11.01 7.16 -28.45
N ILE A 192 -11.70 7.34 -27.32
CA ILE A 192 -11.78 8.63 -26.65
C ILE A 192 -10.88 8.76 -25.43
N LEU A 193 -10.17 9.88 -25.33
CA LEU A 193 -9.37 10.20 -24.15
C LEU A 193 -9.97 11.39 -23.45
N GLY A 194 -10.22 11.26 -22.16
CA GLY A 194 -10.63 12.39 -21.34
C GLY A 194 -9.53 12.76 -20.40
N VAL A 195 -9.14 14.03 -20.43
CA VAL A 195 -8.07 14.59 -19.63
C VAL A 195 -8.56 15.70 -18.72
N THR A 196 -8.18 15.66 -17.44
CA THR A 196 -8.36 16.84 -16.61
C THR A 196 -7.04 17.24 -16.02
N GLU A 197 -6.92 18.55 -15.79
CA GLU A 197 -5.68 19.00 -15.25
C GLU A 197 -5.82 20.34 -14.58
N VAL A 198 -5.01 20.52 -13.54
CA VAL A 198 -4.71 21.82 -12.96
C VAL A 198 -3.74 22.56 -13.87
N VAL A 199 -4.13 23.75 -14.30
CA VAL A 199 -3.35 24.56 -15.25
C VAL A 199 -3.11 25.98 -14.73
N LYS A 200 -2.16 26.68 -15.33
CA LYS A 200 -2.16 28.14 -15.19
C LYS A 200 -3.36 28.67 -15.97
N ARG A 201 -4.23 29.44 -15.33
CA ARG A 201 -5.49 29.80 -15.97
C ARG A 201 -5.29 30.57 -17.26
N GLU A 202 -4.33 31.48 -17.26
CA GLU A 202 -4.15 32.38 -18.41
C GLU A 202 -2.71 32.83 -18.51
N ALA A 203 -2.31 33.30 -19.68
CA ALA A 203 -0.92 33.68 -19.92
C ALA A 203 -0.44 34.90 -19.12
N GLY A 204 -1.32 35.58 -18.40
CA GLY A 204 -0.95 36.77 -17.64
C GLY A 204 0.07 36.53 -16.52
N GLY A 205 1.04 37.45 -16.40
CA GLY A 205 1.98 37.44 -15.31
C GLY A 205 3.14 36.46 -15.48
N ASP A 212 9.47 25.08 -14.36
CA ASP A 212 8.49 25.86 -13.64
C ASP A 212 7.51 24.93 -12.92
N ARG A 213 7.43 25.03 -11.61
CA ARG A 213 6.50 24.22 -10.82
C ARG A 213 5.70 25.07 -9.83
N TRP A 214 4.44 24.70 -9.60
CA TRP A 214 3.71 25.27 -8.49
C TRP A 214 4.40 24.84 -7.19
N PRO A 215 4.12 25.55 -6.07
CA PRO A 215 4.73 25.18 -4.79
C PRO A 215 4.42 23.77 -4.31
N THR A 216 3.33 23.20 -4.83
CA THR A 216 2.97 21.81 -4.56
C THR A 216 3.86 20.82 -5.28
N GLY A 217 4.68 21.31 -6.21
CA GLY A 217 5.52 20.46 -7.01
C GLY A 217 4.98 20.16 -8.40
N LEU A 218 3.72 20.51 -8.66
CA LEU A 218 3.13 20.28 -9.97
C LEU A 218 3.72 21.21 -11.05
N ARG A 219 4.12 20.61 -12.18
CA ARG A 219 4.53 21.34 -13.38
C ARG A 219 3.48 22.41 -13.76
N ILE A 220 3.90 23.62 -14.06
CA ILE A 220 3.00 24.68 -14.51
C ILE A 220 2.80 24.54 -16.01
N CYS A 221 1.54 24.52 -16.43
CA CYS A 221 1.21 24.36 -17.82
C CYS A 221 -0.11 25.09 -18.12
N LEU A 222 -0.18 25.75 -19.27
CA LEU A 222 -1.47 26.26 -19.77
C LEU A 222 -2.32 25.14 -20.37
N ALA A 223 -3.64 25.25 -20.29
CA ALA A 223 -4.51 24.33 -20.98
C ALA A 223 -4.21 24.32 -22.48
N GLU A 224 -3.92 25.50 -23.02
CA GLU A 224 -3.60 25.65 -24.43
C GLU A 224 -2.36 24.83 -24.81
N GLN A 225 -1.44 24.68 -23.86
CA GLN A 225 -0.19 23.92 -24.08
C GLN A 225 -0.47 22.41 -24.04
N LEU A 226 -1.33 22.02 -23.13
CA LEU A 226 -1.80 20.65 -23.06
C LEU A 226 -2.51 20.24 -24.37
N LEU A 227 -3.38 21.13 -24.86
CA LEU A 227 -4.09 20.88 -26.11
C LEU A 227 -3.15 20.68 -27.25
N GLU A 228 -2.14 21.55 -27.33
CA GLU A 228 -1.20 21.48 -28.42
C GLU A 228 -0.35 20.19 -28.36
N SER A 229 0.06 19.74 -27.18
CA SER A 229 0.70 18.44 -27.05
C SER A 229 -0.18 17.28 -27.50
N LEU A 230 -1.47 17.31 -27.14
CA LEU A 230 -2.39 16.25 -27.57
C LEU A 230 -2.54 16.22 -29.08
N ARG A 231 -2.76 17.40 -29.68
CA ARG A 231 -2.86 17.50 -31.14
C ARG A 231 -1.62 17.02 -31.83
N ALA A 232 -0.48 17.47 -31.35
CA ALA A 232 0.80 17.15 -31.96
C ALA A 232 1.04 15.64 -31.96
N ALA A 233 0.49 14.93 -30.98
CA ALA A 233 0.68 13.50 -30.90
C ALA A 233 -0.18 12.76 -31.92
N GLY A 234 -1.23 13.41 -32.42
CA GLY A 234 -2.14 12.79 -33.37
C GLY A 234 -3.60 12.76 -32.92
N PHE A 235 -3.90 13.28 -31.73
CA PHE A 235 -5.30 13.32 -31.31
C PHE A 235 -6.09 14.38 -32.07
N GLU A 236 -7.36 14.10 -32.33
CA GLU A 236 -8.36 15.12 -32.65
C GLU A 236 -8.95 15.68 -31.35
N ILE A 237 -8.97 16.99 -31.20
CA ILE A 237 -9.60 17.58 -30.05
C ILE A 237 -11.09 17.68 -30.29
N LEU A 238 -11.86 17.05 -29.42
CA LEU A 238 -13.30 17.10 -29.51
C LEU A 238 -13.84 18.29 -28.72
N ASP A 239 -13.22 18.59 -27.58
CA ASP A 239 -13.75 19.63 -26.71
C ASP A 239 -12.73 20.06 -25.68
N TRP A 240 -12.74 21.33 -25.36
CA TRP A 240 -12.07 21.90 -24.20
C TRP A 240 -13.09 22.72 -23.45
N GLU A 241 -13.16 22.52 -22.14
CA GLU A 241 -13.99 23.34 -21.28
C GLU A 241 -13.08 23.87 -20.24
N ASP A 242 -13.04 25.18 -20.12
CA ASP A 242 -12.34 25.83 -19.01
C ASP A 242 -13.31 25.91 -17.87
N VAL A 243 -13.04 25.17 -16.79
CA VAL A 243 -13.98 25.08 -15.68
C VAL A 243 -13.33 25.65 -14.39
N SER A 244 -12.39 26.55 -14.57
CA SER A 244 -11.72 27.17 -13.44
C SER A 244 -12.69 27.79 -12.45
N SER A 245 -13.78 28.40 -12.94
CA SER A 245 -14.76 29.01 -12.05
C SER A 245 -15.51 28.01 -11.15
N ARG A 246 -15.55 26.75 -11.58
CA ARG A 246 -16.24 25.68 -10.85
C ARG A 246 -15.32 24.97 -9.87
N THR A 247 -14.02 25.04 -10.07
CA THR A 247 -13.10 24.25 -9.25
C THR A 247 -12.36 25.08 -8.22
N ARG A 248 -12.60 26.39 -8.22
CA ARG A 248 -11.75 27.28 -7.42
C ARG A 248 -11.93 27.07 -5.93
N TYR A 249 -13.02 26.44 -5.56
CA TYR A 249 -13.27 26.15 -4.15
C TYR A 249 -12.37 25.07 -3.61
N PHE A 250 -11.73 24.30 -4.49
CA PHE A 250 -11.01 23.13 -4.01
C PHE A 250 -9.84 23.44 -3.08
N MET A 251 -8.90 24.26 -3.52
CA MET A 251 -7.70 24.44 -2.69
C MET A 251 -8.05 25.01 -1.31
N PRO A 252 -8.90 26.03 -1.23
CA PRO A 252 -9.19 26.53 0.12
C PRO A 252 -9.83 25.48 0.98
N GLN A 253 -10.76 24.69 0.43
CA GLN A 253 -11.50 23.74 1.23
C GLN A 253 -10.61 22.57 1.61
N PHE A 254 -9.82 22.07 0.67
CA PHE A 254 -8.94 20.96 1.00
C PHE A 254 -7.89 21.38 2.03
N ALA A 255 -7.36 22.60 1.93
CA ALA A 255 -6.37 23.10 2.87
C ALA A 255 -6.94 23.14 4.27
N GLU A 256 -8.17 23.61 4.40
CA GLU A 256 -8.80 23.62 5.70
C GLU A 256 -8.92 22.19 6.27
N GLU A 257 -9.34 21.24 5.42
CA GLU A 257 -9.42 19.84 5.86
C GLU A 257 -8.07 19.26 6.31
N LEU A 258 -7.04 19.59 5.55
CA LEU A 258 -5.68 19.15 5.79
C LEU A 258 -5.20 19.72 7.09
N ALA A 259 -5.49 20.98 7.33
CA ALA A 259 -5.01 21.68 8.54
C ALA A 259 -5.50 21.00 9.78
N ALA A 260 -6.73 20.51 9.78
CA ALA A 260 -7.18 19.76 10.94
C ALA A 260 -6.25 18.56 11.23
N HIS A 261 -5.80 17.85 10.18
CA HIS A 261 -4.94 16.66 10.35
C HIS A 261 -3.45 16.93 10.31
N GLN A 262 -3.03 18.11 10.74
CA GLN A 262 -1.68 18.56 10.42
C GLN A 262 -0.69 18.28 11.53
N HIS A 263 -1.21 17.95 12.71
CA HIS A 263 -0.33 17.73 13.83
C HIS A 263 0.62 16.57 13.54
N GLY A 264 1.91 16.82 13.78
CA GLY A 264 2.94 15.81 13.68
C GLY A 264 3.06 15.16 12.30
N ILE A 265 2.75 15.92 11.24
CA ILE A 265 2.84 15.36 9.89
C ILE A 265 4.30 15.01 9.59
N ALA A 266 5.22 15.91 9.94
CA ALA A 266 6.63 15.71 9.62
C ALA A 266 7.22 14.49 10.33
N ASP A 267 6.84 14.30 11.58
CA ASP A 267 7.30 13.13 12.34
C ASP A 267 6.55 11.84 11.96
N ARG A 268 5.26 11.96 11.62
CA ARG A 268 4.43 10.78 11.34
C ARG A 268 4.51 10.27 9.90
N TYR A 269 4.60 11.18 8.92
CA TYR A 269 4.58 10.80 7.50
C TYR A 269 5.89 11.11 6.78
N GLY A 270 6.79 11.81 7.44
CA GLY A 270 8.08 12.14 6.88
C GLY A 270 8.18 13.57 6.45
N PRO A 271 9.41 14.05 6.24
CA PRO A 271 9.55 15.46 5.89
C PRO A 271 9.06 15.80 4.48
N ALA A 272 9.11 14.87 3.53
CA ALA A 272 8.68 15.17 2.18
C ALA A 272 7.21 15.52 2.21
N VAL A 273 6.46 14.69 2.90
CA VAL A 273 5.03 14.88 3.05
C VAL A 273 4.74 16.18 3.79
N ALA A 274 5.52 16.48 4.83
CA ALA A 274 5.38 17.76 5.55
C ALA A 274 5.60 18.98 4.65
N GLY A 275 6.56 18.90 3.74
CA GLY A 275 6.83 20.00 2.84
C GLY A 275 5.67 20.20 1.89
N TRP A 276 5.14 19.10 1.37
CA TRP A 276 3.99 19.18 0.45
C TRP A 276 2.77 19.75 1.19
N ALA A 277 2.55 19.28 2.42
CA ALA A 277 1.40 19.74 3.22
C ALA A 277 1.50 21.24 3.49
N ALA A 278 2.70 21.71 3.77
CA ALA A 278 2.92 23.13 4.02
C ALA A 278 2.58 23.96 2.76
N ALA A 279 2.95 23.46 1.58
CA ALA A 279 2.66 24.11 0.30
C ALA A 279 1.15 24.23 0.01
N VAL A 280 0.41 23.15 0.25
CA VAL A 280 -1.04 23.17 0.08
C VAL A 280 -1.64 24.23 1.01
N CYS A 281 -1.19 24.25 2.26
CA CYS A 281 -1.78 25.22 3.17
C CYS A 281 -1.35 26.65 2.86
N ASP A 282 -0.28 26.81 2.09
CA ASP A 282 0.17 28.10 1.59
C ASP A 282 -0.55 28.50 0.29
N TYR A 283 -1.70 27.88 -0.02
CA TYR A 283 -2.36 28.10 -1.32
C TYR A 283 -2.67 29.58 -1.61
N GLU A 284 -2.82 30.40 -0.59
CA GLU A 284 -3.13 31.81 -0.86
C GLU A 284 -2.03 32.50 -1.64
N LYS A 285 -0.81 32.00 -1.58
CA LYS A 285 0.27 32.64 -2.35
C LYS A 285 0.20 32.39 -3.85
N TYR A 286 -0.55 31.38 -4.30
CA TYR A 286 -0.51 31.05 -5.74
C TYR A 286 -1.79 30.56 -6.36
N ALA A 287 -2.74 30.06 -5.58
CA ALA A 287 -3.87 29.33 -6.15
C ALA A 287 -4.75 30.23 -7.05
N HIS A 288 -4.72 31.53 -6.79
CA HIS A 288 -5.54 32.43 -7.58
C HIS A 288 -5.13 32.44 -9.09
N ASP A 289 -3.90 32.02 -9.37
CA ASP A 289 -3.36 31.93 -10.72
C ASP A 289 -3.66 30.59 -11.38
N MET A 290 -4.12 29.62 -10.58
CA MET A 290 -4.50 28.31 -11.09
C MET A 290 -5.86 28.33 -11.72
N GLY A 291 -6.06 27.46 -12.70
CA GLY A 291 -7.39 27.19 -13.23
C GLY A 291 -7.49 25.71 -13.47
N TYR A 292 -8.47 25.32 -14.28
CA TYR A 292 -8.74 23.89 -14.48
C TYR A 292 -9.33 23.64 -15.86
N ALA A 293 -8.94 22.52 -16.47
CA ALA A 293 -9.37 22.16 -17.84
C ALA A 293 -9.93 20.75 -17.89
N ILE A 294 -11.04 20.57 -18.60
CA ILE A 294 -11.51 19.28 -19.02
C ILE A 294 -11.38 19.19 -20.53
N LEU A 295 -10.57 18.25 -21.01
CA LEU A 295 -10.33 18.04 -22.44
C LEU A 295 -10.84 16.67 -22.89
N THR A 296 -11.49 16.61 -24.05
CA THR A 296 -11.89 15.36 -24.69
C THR A 296 -11.22 15.32 -26.04
N ALA A 297 -10.55 14.21 -26.31
CA ALA A 297 -9.80 14.03 -27.53
C ALA A 297 -10.05 12.64 -28.02
N ARG A 298 -9.78 12.38 -29.30
CA ARG A 298 -9.95 11.02 -29.80
C ARG A 298 -8.88 10.64 -30.83
N LYS A 299 -8.63 9.35 -30.91
CA LYS A 299 -7.79 8.78 -31.93
C LYS A 299 -8.61 8.84 -33.22
N PRO A 300 -8.01 9.37 -34.30
CA PRO A 300 -8.73 9.43 -35.58
C PRO A 300 -9.28 8.06 -35.96
N VAL A 301 -10.47 8.05 -36.55
CA VAL A 301 -11.09 6.80 -36.97
C VAL A 301 -10.28 6.18 -38.10
N GLY A 302 -10.43 4.86 -38.24
CA GLY A 302 -9.67 4.09 -39.21
C GLY A 302 -9.70 2.61 -38.88
N SER B 24 25.92 -21.29 19.83
CA SER B 24 25.75 -20.28 18.78
C SER B 24 24.29 -19.82 18.71
N GLY B 25 24.10 -18.58 18.26
CA GLY B 25 22.79 -17.97 18.13
C GLY B 25 22.27 -18.06 16.72
N ILE B 26 21.41 -17.13 16.34
CA ILE B 26 20.88 -17.06 14.98
C ILE B 26 22.06 -16.92 14.02
N PRO B 27 22.13 -17.76 12.97
CA PRO B 27 23.31 -17.58 12.10
C PRO B 27 23.38 -16.22 11.42
N ALA B 33 22.29 -11.57 3.02
CA ALA B 33 20.83 -11.59 3.19
C ALA B 33 20.25 -10.28 2.63
N PRO B 34 18.98 -10.32 2.20
CA PRO B 34 18.30 -9.08 1.76
C PRO B 34 18.26 -7.98 2.81
N THR B 35 18.37 -6.74 2.34
CA THR B 35 18.28 -5.58 3.21
C THR B 35 16.85 -5.30 3.65
N SER B 36 16.71 -4.49 4.68
CA SER B 36 15.37 -4.11 5.14
C SER B 36 14.60 -3.40 4.02
N GLN B 37 15.29 -2.59 3.21
CA GLN B 37 14.63 -1.95 2.08
C GLN B 37 14.17 -3.02 1.06
N GLN B 38 15.02 -4.02 0.81
CA GLN B 38 14.62 -5.10 -0.09
C GLN B 38 13.44 -5.92 0.47
N VAL B 39 13.44 -6.23 1.76
CA VAL B 39 12.31 -6.93 2.35
C VAL B 39 11.03 -6.08 2.22
N GLY B 40 11.14 -4.78 2.46
CA GLY B 40 9.97 -3.92 2.32
C GLY B 40 9.42 -3.94 0.90
N GLN B 41 10.32 -3.88 -0.09
CA GLN B 41 9.92 -3.95 -1.49
C GLN B 41 9.26 -5.29 -1.82
N MET B 42 9.78 -6.38 -1.27
CA MET B 42 9.15 -7.68 -1.53
C MET B 42 7.72 -7.69 -1.02
N TYR B 43 7.49 -7.17 0.19
CA TYR B 43 6.12 -7.17 0.68
C TYR B 43 5.28 -6.14 -0.06
N ASP B 44 5.87 -5.04 -0.50
CA ASP B 44 5.14 -4.08 -1.32
C ASP B 44 4.56 -4.76 -2.56
N LEU B 45 5.37 -5.60 -3.17
CA LEU B 45 4.98 -6.28 -4.40
C LEU B 45 3.96 -7.40 -4.17
N VAL B 46 4.12 -8.21 -3.14
CA VAL B 46 3.28 -9.40 -2.97
C VAL B 46 2.01 -9.17 -2.18
N THR B 47 1.88 -8.00 -1.55
CA THR B 47 0.71 -7.75 -0.70
C THR B 47 -0.63 -7.98 -1.41
N PRO B 48 -0.79 -7.46 -2.63
CA PRO B 48 -2.06 -7.72 -3.29
C PRO B 48 -2.31 -9.23 -3.50
N LEU B 49 -1.23 -10.00 -3.71
CA LEU B 49 -1.38 -11.45 -3.91
C LEU B 49 -1.82 -12.11 -2.61
N LEU B 50 -1.17 -11.76 -1.51
CA LEU B 50 -1.55 -12.32 -0.21
C LEU B 50 -2.98 -11.94 0.14
N ASN B 51 -3.34 -10.67 -0.07
CA ASN B 51 -4.72 -10.27 0.20
C ASN B 51 -5.74 -11.04 -0.65
N SER B 52 -5.40 -11.27 -1.91
CA SER B 52 -6.26 -12.04 -2.81
C SER B 52 -6.48 -13.46 -2.30
N VAL B 53 -5.40 -14.11 -1.95
CA VAL B 53 -5.48 -15.48 -1.44
C VAL B 53 -6.34 -15.53 -0.17
N ALA B 54 -6.17 -14.56 0.71
CA ALA B 54 -6.81 -14.59 2.01
C ALA B 54 -8.25 -14.09 2.01
N GLY B 55 -8.64 -13.34 0.97
CA GLY B 55 -9.92 -12.66 0.96
C GLY B 55 -9.94 -11.33 1.68
N GLY B 56 -8.77 -10.70 1.77
CA GLY B 56 -8.63 -9.37 2.36
C GLY B 56 -7.36 -9.29 3.18
N PRO B 57 -7.08 -8.12 3.79
CA PRO B 57 -5.87 -8.01 4.60
C PRO B 57 -5.84 -9.12 5.64
N CYS B 58 -4.69 -9.76 5.77
CA CYS B 58 -4.62 -11.03 6.49
C CYS B 58 -3.46 -11.13 7.46
N ALA B 59 -3.58 -12.10 8.36
CA ALA B 59 -2.44 -12.58 9.12
C ALA B 59 -1.39 -13.16 8.18
N ILE B 60 -0.12 -12.81 8.39
CA ILE B 60 0.99 -13.39 7.66
C ILE B 60 1.84 -14.21 8.63
N HIS B 61 1.20 -15.19 9.26
CA HIS B 61 1.90 -16.15 10.12
C HIS B 61 1.16 -17.47 10.05
N HIS B 62 1.83 -18.54 10.50
CA HIS B 62 1.30 -19.88 10.48
C HIS B 62 0.09 -19.99 11.37
N GLY B 63 -0.83 -20.88 11.02
CA GLY B 63 -1.93 -21.22 11.91
C GLY B 63 -1.56 -22.26 12.98
N TYR B 64 -2.35 -22.26 14.05
CA TYR B 64 -2.23 -23.21 15.15
C TYR B 64 -3.58 -23.91 15.27
N TRP B 65 -3.55 -25.22 15.11
CA TRP B 65 -4.73 -26.05 15.15
C TRP B 65 -4.79 -26.89 16.43
N GLU B 66 -6.01 -27.10 16.90
CA GLU B 66 -6.29 -27.93 18.07
C GLU B 66 -6.60 -29.38 17.72
N ASN B 67 -6.88 -29.63 16.45
CA ASN B 67 -7.20 -30.97 15.93
C ASN B 67 -6.54 -31.20 14.58
N ASP B 68 -7.14 -32.04 13.74
CA ASP B 68 -6.51 -32.49 12.52
C ASP B 68 -6.73 -31.57 11.32
N GLY B 69 -6.47 -30.27 11.51
CA GLY B 69 -6.45 -29.34 10.39
C GLY B 69 -7.81 -28.85 9.94
N ARG B 70 -8.84 -29.00 10.76
CA ARG B 70 -10.19 -28.68 10.30
C ARG B 70 -10.39 -27.21 9.98
N ALA B 71 -9.99 -26.31 10.89
CA ALA B 71 -10.16 -24.87 10.67
C ALA B 71 -9.40 -24.38 9.43
N SER B 72 -9.89 -23.32 8.81
CA SER B 72 -9.13 -22.64 7.77
C SER B 72 -7.83 -22.11 8.31
N TRP B 73 -6.84 -21.90 7.45
CA TRP B 73 -5.57 -21.34 7.92
C TRP B 73 -5.81 -19.96 8.52
N GLN B 74 -6.77 -19.18 8.03
CA GLN B 74 -7.03 -17.87 8.62
C GLN B 74 -7.53 -17.99 10.05
N GLN B 75 -8.46 -18.90 10.28
CA GLN B 75 -8.94 -19.16 11.62
C GLN B 75 -7.84 -19.61 12.57
N ALA B 76 -7.01 -20.52 12.07
CA ALA B 76 -5.91 -21.10 12.82
C ALA B 76 -4.85 -20.01 13.09
N ALA B 77 -4.65 -19.07 12.16
CA ALA B 77 -3.74 -17.97 12.39
C ALA B 77 -4.27 -17.05 13.52
N ASP B 78 -5.59 -16.85 13.59
CA ASP B 78 -6.19 -16.04 14.63
C ASP B 78 -5.95 -16.74 15.97
N ARG B 79 -5.96 -18.08 15.99
CA ARG B 79 -5.69 -18.79 17.23
C ARG B 79 -4.27 -18.52 17.72
N LEU B 80 -3.31 -18.50 16.82
CA LEU B 80 -1.94 -18.23 17.18
C LEU B 80 -1.82 -16.83 17.76
N THR B 81 -2.45 -15.86 17.09
CA THR B 81 -2.49 -14.49 17.61
C THR B 81 -3.02 -14.45 19.05
N ASP B 82 -4.11 -15.15 19.29
CA ASP B 82 -4.71 -15.13 20.60
C ASP B 82 -3.77 -15.72 21.64
N LEU B 83 -3.02 -16.76 21.27
CA LEU B 83 -2.07 -17.37 22.21
C LEU B 83 -0.94 -16.43 22.54
N VAL B 84 -0.44 -15.74 21.53
CA VAL B 84 0.61 -14.78 21.77
C VAL B 84 0.07 -13.64 22.65
N ALA B 85 -1.16 -13.18 22.40
CA ALA B 85 -1.68 -12.05 23.16
C ALA B 85 -1.85 -12.43 24.64
N GLU B 86 -2.33 -13.65 24.88
CA GLU B 86 -2.50 -14.18 26.24
C GLU B 86 -1.21 -14.10 27.05
N ARG B 87 -0.08 -14.29 26.38
CA ARG B 87 1.25 -14.38 27.00
C ARG B 87 1.96 -13.04 27.14
N THR B 88 1.45 -12.00 26.48
CA THR B 88 2.17 -10.75 26.34
C THR B 88 1.36 -9.53 26.74
N VAL B 89 0.05 -9.61 26.67
CA VAL B 89 -0.83 -8.47 27.02
C VAL B 89 -1.42 -8.82 28.37
N LEU B 90 -0.82 -8.29 29.43
CA LEU B 90 -1.11 -8.83 30.75
C LEU B 90 -2.12 -7.96 31.51
N ASP B 91 -2.45 -6.80 30.95
CA ASP B 91 -3.41 -5.91 31.56
C ASP B 91 -3.94 -4.93 30.53
N GLY B 92 -4.99 -4.20 30.86
CA GLY B 92 -5.38 -3.05 30.07
C GLY B 92 -4.42 -1.89 30.27
N GLY B 93 -4.41 -0.96 29.33
CA GLY B 93 -3.73 0.30 29.54
C GLY B 93 -2.24 0.21 29.34
N VAL B 94 -1.80 -0.82 28.62
CA VAL B 94 -0.39 -0.98 28.31
C VAL B 94 -0.08 -0.52 26.88
N ARG B 95 1.20 -0.30 26.61
CA ARG B 95 1.68 0.06 25.28
C ARG B 95 2.47 -1.10 24.73
N LEU B 96 2.14 -1.51 23.51
CA LEU B 96 2.74 -2.69 22.91
C LEU B 96 3.38 -2.35 21.57
N LEU B 97 4.60 -2.81 21.35
CA LEU B 97 5.26 -2.68 20.03
C LEU B 97 5.13 -3.97 19.23
N ASP B 98 4.44 -3.89 18.11
CA ASP B 98 4.29 -5.01 17.16
C ASP B 98 5.38 -4.88 16.10
N VAL B 99 6.44 -5.65 16.29
CA VAL B 99 7.66 -5.56 15.52
C VAL B 99 7.52 -6.40 14.26
N GLY B 100 7.31 -5.75 13.14
CA GLY B 100 7.04 -6.41 11.88
C GLY B 100 5.59 -6.81 11.75
N CYS B 101 4.73 -5.80 11.65
CA CYS B 101 3.32 -5.95 11.94
C CYS B 101 2.46 -6.44 10.78
N GLY B 102 3.08 -6.69 9.63
CA GLY B 102 2.35 -7.10 8.45
C GLY B 102 1.30 -6.04 8.07
N THR B 103 0.11 -6.52 7.68
CA THR B 103 -1.00 -5.66 7.33
C THR B 103 -1.74 -5.17 8.58
N GLY B 104 -1.25 -5.52 9.77
CA GLY B 104 -1.89 -5.08 10.99
C GLY B 104 -3.05 -5.95 11.45
N GLN B 105 -3.30 -7.06 10.77
CA GLN B 105 -4.49 -7.83 11.10
C GLN B 105 -4.41 -8.41 12.55
N PRO B 106 -3.26 -8.95 12.96
CA PRO B 106 -3.17 -9.47 14.33
C PRO B 106 -3.30 -8.36 15.40
N ALA B 107 -2.65 -7.23 15.17
CA ALA B 107 -2.77 -6.07 16.07
C ALA B 107 -4.24 -5.61 16.19
N LEU B 108 -4.93 -5.50 15.05
CA LEU B 108 -6.33 -5.04 15.11
C LEU B 108 -7.24 -6.07 15.74
N ARG B 109 -6.93 -7.35 15.61
CA ARG B 109 -7.73 -8.36 16.29
C ARG B 109 -7.65 -8.19 17.82
N VAL B 110 -6.45 -8.00 18.30
CA VAL B 110 -6.19 -7.86 19.73
C VAL B 110 -6.72 -6.54 20.22
N ALA B 111 -6.56 -5.49 19.43
CA ALA B 111 -7.06 -4.18 19.87
C ALA B 111 -8.59 -4.13 19.94
N ARG B 112 -9.30 -4.99 19.22
CA ARG B 112 -10.77 -4.98 19.30
C ARG B 112 -11.26 -5.20 20.74
N ASP B 113 -10.59 -6.10 21.45
CA ASP B 113 -11.03 -6.58 22.76
C ASP B 113 -10.11 -6.19 23.92
N ASN B 114 -9.10 -5.37 23.64
CA ASN B 114 -8.16 -4.92 24.65
C ASN B 114 -7.94 -3.42 24.54
N ALA B 115 -8.24 -2.70 25.63
CA ALA B 115 -8.02 -1.25 25.67
C ALA B 115 -6.58 -0.97 25.92
N ILE B 116 -5.78 -1.16 24.89
CA ILE B 116 -4.34 -0.94 24.93
C ILE B 116 -3.94 -0.08 23.74
N GLN B 117 -2.69 0.35 23.72
CA GLN B 117 -2.15 1.15 22.62
C GLN B 117 -1.07 0.33 21.93
N ILE B 118 -1.32 0.02 20.66
CA ILE B 118 -0.37 -0.76 19.88
C ILE B 118 0.27 0.12 18.81
N THR B 119 1.59 0.14 18.80
CA THR B 119 2.40 0.72 17.74
C THR B 119 2.92 -0.42 16.86
N GLY B 120 2.48 -0.48 15.59
CA GLY B 120 2.91 -1.49 14.65
C GLY B 120 3.96 -0.94 13.73
N ILE B 121 5.07 -1.64 13.54
CA ILE B 121 6.09 -1.18 12.61
C ILE B 121 6.37 -2.24 11.56
N THR B 122 6.58 -1.76 10.34
CA THR B 122 6.99 -2.62 9.26
C THR B 122 7.88 -1.84 8.27
N VAL B 123 8.68 -2.53 7.46
CA VAL B 123 9.51 -1.83 6.48
C VAL B 123 8.80 -1.74 5.12
N SER B 124 7.58 -2.24 5.06
CA SER B 124 6.78 -2.15 3.85
C SER B 124 5.81 -0.98 3.93
N GLN B 125 5.96 0.04 3.07
CA GLN B 125 5.03 1.18 3.10
C GLN B 125 3.62 0.75 2.62
N VAL B 126 3.54 -0.24 1.75
CA VAL B 126 2.25 -0.80 1.38
C VAL B 126 1.52 -1.31 2.61
N GLN B 127 2.23 -2.09 3.43
CA GLN B 127 1.60 -2.62 4.64
C GLN B 127 1.18 -1.49 5.62
N VAL B 128 1.98 -0.47 5.76
CA VAL B 128 1.64 0.65 6.61
C VAL B 128 0.30 1.26 6.17
N ALA B 129 0.18 1.53 4.87
CA ALA B 129 -1.02 2.15 4.33
C ALA B 129 -2.26 1.29 4.48
N ILE B 130 -2.12 0.00 4.22
CA ILE B 130 -3.24 -0.92 4.36
C ILE B 130 -3.66 -0.99 5.81
N ALA B 131 -2.67 -1.13 6.68
CA ALA B 131 -2.94 -1.27 8.12
C ALA B 131 -3.67 -0.04 8.68
N ALA B 132 -3.17 1.12 8.31
CA ALA B 132 -3.76 2.37 8.78
C ALA B 132 -5.21 2.50 8.29
N ASP B 133 -5.46 2.14 7.02
CA ASP B 133 -6.81 2.19 6.49
C ASP B 133 -7.74 1.21 7.21
N CYS B 134 -7.24 0.01 7.46
CA CYS B 134 -7.98 -1.01 8.19
C CYS B 134 -8.35 -0.52 9.60
N ALA B 135 -7.39 0.09 10.26
CA ALA B 135 -7.64 0.67 11.58
C ALA B 135 -8.79 1.68 11.53
N ARG B 136 -8.81 2.53 10.51
CA ARG B 136 -9.90 3.50 10.34
C ARG B 136 -11.22 2.81 10.07
N GLU B 137 -11.22 1.86 9.14
CA GLU B 137 -12.46 1.18 8.78
C GLU B 137 -13.08 0.44 9.97
N ARG B 138 -12.24 -0.12 10.83
CA ARG B 138 -12.71 -0.90 11.99
C ARG B 138 -13.00 -0.03 13.21
N GLY B 139 -12.73 1.27 13.10
CA GLY B 139 -12.92 2.19 14.19
C GLY B 139 -12.00 1.91 15.35
N LEU B 140 -10.75 1.55 15.08
CA LEU B 140 -9.80 1.22 16.13
C LEU B 140 -8.56 2.08 16.12
N SER B 141 -8.57 3.20 15.38
CA SER B 141 -7.33 3.99 15.31
C SER B 141 -7.01 4.70 16.64
N HIS B 142 -7.96 4.75 17.55
CA HIS B 142 -7.68 5.30 18.90
C HIS B 142 -6.77 4.40 19.71
N ARG B 143 -6.65 3.15 19.28
CA ARG B 143 -5.80 2.15 19.99
C ARG B 143 -4.56 1.74 19.20
N VAL B 144 -4.59 1.83 17.87
CA VAL B 144 -3.54 1.25 17.05
C VAL B 144 -3.06 2.26 16.02
N ASP B 145 -1.76 2.37 15.89
CA ASP B 145 -1.18 3.14 14.82
C ASP B 145 0.01 2.38 14.22
N PHE B 146 0.33 2.74 12.97
CA PHE B 146 1.30 2.04 12.16
C PHE B 146 2.30 2.99 11.56
N SER B 147 3.55 2.57 11.50
CA SER B 147 4.62 3.36 10.91
C SER B 147 5.66 2.52 10.16
N CYS B 148 6.36 3.16 9.24
CA CYS B 148 7.42 2.51 8.50
C CYS B 148 8.74 2.72 9.23
N VAL B 149 9.16 1.68 9.93
CA VAL B 149 10.29 1.76 10.86
C VAL B 149 11.08 0.48 10.75
N ASP B 150 12.39 0.59 10.69
CA ASP B 150 13.29 -0.56 10.71
C ASP B 150 13.58 -0.99 12.17
N ALA B 151 13.28 -2.23 12.53
CA ALA B 151 13.45 -2.72 13.90
C ALA B 151 14.91 -2.73 14.31
N MET B 152 15.82 -2.69 13.34
CA MET B 152 17.22 -2.71 13.68
C MET B 152 17.74 -1.35 14.17
N SER B 153 16.89 -0.32 14.06
CA SER B 153 17.17 1.01 14.58
C SER B 153 15.87 1.72 14.99
N LEU B 154 15.48 1.56 16.25
CA LEU B 154 14.19 2.08 16.68
C LEU B 154 14.28 3.56 17.12
N PRO B 155 13.29 4.37 16.71
CA PRO B 155 13.32 5.80 17.09
C PRO B 155 12.80 6.08 18.52
N TYR B 156 12.33 5.05 19.21
CA TYR B 156 11.61 5.24 20.47
C TYR B 156 12.58 5.39 21.62
N PRO B 157 12.17 6.11 22.65
CA PRO B 157 13.01 6.24 23.84
C PRO B 157 13.16 4.91 24.55
N ASP B 158 14.20 4.79 25.37
CA ASP B 158 14.34 3.66 26.29
C ASP B 158 13.08 3.47 27.14
N ASN B 159 12.71 2.23 27.45
CA ASN B 159 11.68 1.97 28.45
C ASN B 159 10.35 2.61 28.13
N ALA B 160 9.93 2.41 26.89
CA ALA B 160 8.70 2.99 26.35
C ALA B 160 7.53 2.01 26.34
N PHE B 161 7.83 0.72 26.22
CA PHE B 161 6.78 -0.26 25.98
C PHE B 161 6.67 -1.31 27.09
N ASP B 162 5.44 -1.68 27.44
CA ASP B 162 5.18 -2.74 28.38
C ASP B 162 5.44 -4.14 27.79
N ALA B 163 5.27 -4.24 26.49
CA ALA B 163 5.34 -5.50 25.79
C ALA B 163 5.63 -5.32 24.32
N ALA B 164 6.00 -6.44 23.71
CA ALA B 164 6.27 -6.46 22.28
C ALA B 164 5.98 -7.79 21.68
N TRP B 165 5.65 -7.79 20.40
CA TRP B 165 5.58 -8.98 19.60
C TRP B 165 6.66 -9.03 18.50
N ALA B 166 7.12 -10.21 18.16
CA ALA B 166 7.80 -10.43 16.90
C ALA B 166 7.30 -11.75 16.38
N MET B 167 6.17 -11.70 15.69
CA MET B 167 5.55 -12.86 15.07
C MET B 167 6.08 -13.03 13.65
N GLN B 168 7.06 -13.92 13.51
CA GLN B 168 7.69 -14.27 12.23
C GLN B 168 8.28 -13.04 11.54
N SER B 169 8.92 -12.16 12.30
CA SER B 169 9.62 -11.02 11.71
C SER B 169 11.14 -11.09 11.90
N LEU B 170 11.62 -11.63 13.02
CA LEU B 170 13.06 -11.58 13.29
C LEU B 170 13.90 -12.33 12.24
N LEU B 171 13.45 -13.46 11.75
CA LEU B 171 14.28 -14.24 10.83
C LEU B 171 14.31 -13.61 9.45
N GLU B 172 13.49 -12.59 9.21
CA GLU B 172 13.56 -11.84 7.96
C GLU B 172 14.62 -10.74 7.96
N MET B 173 15.17 -10.39 9.12
CA MET B 173 16.06 -9.27 9.24
C MET B 173 17.51 -9.63 8.98
N SER B 174 18.23 -8.70 8.39
CA SER B 174 19.58 -8.98 8.03
C SER B 174 20.42 -9.22 9.28
N GLU B 175 20.15 -8.44 10.32
CA GLU B 175 20.87 -8.54 11.59
C GLU B 175 19.90 -8.58 12.75
N PRO B 176 19.31 -9.74 12.98
CA PRO B 176 18.25 -9.88 13.98
C PRO B 176 18.75 -9.56 15.38
N ASP B 177 20.04 -9.77 15.64
CA ASP B 177 20.54 -9.51 16.98
C ASP B 177 20.46 -8.04 17.29
N ARG B 178 20.64 -7.22 16.26
CA ARG B 178 20.60 -5.78 16.40
C ARG B 178 19.16 -5.40 16.77
N ALA B 179 18.18 -6.02 16.12
CA ALA B 179 16.78 -5.76 16.43
C ALA B 179 16.43 -6.24 17.85
N ILE B 180 16.94 -7.39 18.24
CA ILE B 180 16.64 -7.92 19.56
C ILE B 180 17.17 -6.95 20.63
N ARG B 181 18.37 -6.42 20.42
CA ARG B 181 18.89 -5.43 21.37
C ARG B 181 18.05 -4.15 21.42
N GLU B 182 17.51 -3.71 20.28
CA GLU B 182 16.72 -2.52 20.26
C GLU B 182 15.39 -2.76 21.01
N ILE B 183 14.80 -3.93 20.79
CA ILE B 183 13.56 -4.27 21.50
C ILE B 183 13.84 -4.28 23.01
N LEU B 184 14.95 -4.86 23.46
CA LEU B 184 15.28 -4.86 24.87
C LEU B 184 15.38 -3.42 25.36
N ARG B 185 16.05 -2.57 24.58
CA ARG B 185 16.19 -1.16 24.96
C ARG B 185 14.86 -0.45 25.19
N VAL B 186 13.91 -0.63 24.27
CA VAL B 186 12.67 0.13 24.34
C VAL B 186 11.61 -0.53 25.21
N LEU B 187 11.80 -1.78 25.62
CA LEU B 187 10.92 -2.37 26.65
C LEU B 187 11.21 -1.72 28.01
N LYS B 188 10.17 -1.60 28.81
CA LYS B 188 10.31 -1.25 30.21
C LYS B 188 10.93 -2.40 30.98
N PRO B 189 11.53 -2.12 32.13
CA PRO B 189 11.93 -3.26 32.93
C PRO B 189 10.77 -4.16 33.27
N GLY B 190 10.97 -5.46 33.12
CA GLY B 190 9.93 -6.45 33.29
C GLY B 190 9.10 -6.65 32.05
N GLY B 191 9.32 -5.81 31.05
CA GLY B 191 8.56 -5.93 29.81
C GLY B 191 8.73 -7.26 29.11
N ILE B 192 7.62 -7.72 28.52
CA ILE B 192 7.51 -9.01 27.91
C ILE B 192 7.59 -8.98 26.38
N LEU B 193 8.43 -9.85 25.78
CA LEU B 193 8.51 -10.07 24.33
C LEU B 193 8.01 -11.45 23.99
N GLY B 194 7.03 -11.51 23.09
CA GLY B 194 6.58 -12.78 22.56
C GLY B 194 7.08 -12.92 21.15
N VAL B 195 7.75 -14.02 20.86
CA VAL B 195 8.31 -14.30 19.54
C VAL B 195 7.70 -15.58 18.98
N THR B 196 7.27 -15.57 17.73
CA THR B 196 6.98 -16.82 17.05
C THR B 196 7.84 -16.91 15.81
N GLU B 197 8.19 -18.13 15.46
CA GLU B 197 9.00 -18.34 14.27
C GLU B 197 8.82 -19.72 13.72
N VAL B 198 8.90 -19.81 12.38
CA VAL B 198 9.13 -21.08 11.71
C VAL B 198 10.61 -21.49 11.91
N VAL B 199 10.84 -22.68 12.44
CA VAL B 199 12.17 -23.16 12.74
C VAL B 199 12.46 -24.51 12.08
N LYS B 200 13.72 -24.89 12.06
CA LYS B 200 14.04 -26.29 11.83
C LYS B 200 13.64 -27.07 13.09
N ARG B 201 12.76 -28.07 12.97
CA ARG B 201 12.17 -28.70 14.17
C ARG B 201 13.18 -29.27 15.11
N GLU B 202 14.22 -29.90 14.57
CA GLU B 202 15.22 -30.51 15.44
C GLU B 202 16.58 -30.54 14.74
N ALA B 203 17.65 -30.67 15.52
CA ALA B 203 19.00 -30.67 14.94
C ALA B 203 19.17 -31.86 14.01
N GLY B 206 22.22 -31.95 12.55
CA GLY B 206 23.04 -30.82 12.13
C GLY B 206 22.55 -29.49 12.69
N MET B 207 23.46 -28.53 12.75
CA MET B 207 23.14 -27.17 13.18
C MET B 207 23.10 -26.26 11.96
N PRO B 208 22.01 -25.52 11.77
CA PRO B 208 21.95 -24.63 10.61
C PRO B 208 23.05 -23.58 10.59
N VAL B 209 23.44 -23.19 9.38
CA VAL B 209 24.46 -22.16 9.19
C VAL B 209 23.93 -21.01 8.35
N SER B 210 24.64 -19.88 8.39
CA SER B 210 24.31 -18.76 7.54
C SER B 210 24.32 -19.23 6.08
N GLY B 211 23.26 -18.94 5.34
CA GLY B 211 23.18 -19.36 3.95
C GLY B 211 22.22 -20.51 3.79
N ASP B 212 21.96 -21.21 4.89
CA ASP B 212 20.91 -22.21 4.88
C ASP B 212 19.53 -21.52 4.83
N ARG B 213 18.79 -21.76 3.75
CA ARG B 213 17.47 -21.19 3.58
C ARG B 213 16.48 -22.26 3.14
N TRP B 214 15.25 -22.14 3.61
CA TRP B 214 14.20 -22.96 3.06
C TRP B 214 13.95 -22.54 1.60
N PRO B 215 13.33 -23.42 0.80
CA PRO B 215 13.11 -23.04 -0.60
C PRO B 215 12.25 -21.79 -0.77
N THR B 216 11.48 -21.43 0.26
CA THR B 216 10.72 -20.15 0.27
C THR B 216 11.58 -18.92 0.44
N GLY B 217 12.84 -19.12 0.79
CA GLY B 217 13.78 -18.04 1.04
C GLY B 217 14.04 -17.71 2.50
N LEU B 218 13.21 -18.26 3.38
CA LEU B 218 13.36 -18.05 4.81
C LEU B 218 14.62 -18.71 5.36
N ARG B 219 15.37 -17.97 6.16
CA ARG B 219 16.48 -18.49 6.95
C ARG B 219 16.08 -19.73 7.76
N ILE B 220 16.92 -20.76 7.70
CA ILE B 220 16.73 -21.94 8.54
C ILE B 220 17.38 -21.66 9.88
N CYS B 221 16.62 -21.84 10.95
CA CYS B 221 17.12 -21.55 12.29
C CYS B 221 16.47 -22.51 13.28
N LEU B 222 17.25 -23.02 14.23
CA LEU B 222 16.67 -23.77 15.34
C LEU B 222 16.04 -22.83 16.38
N ALA B 223 14.99 -23.31 17.06
CA ALA B 223 14.46 -22.57 18.21
C ALA B 223 15.55 -22.33 19.23
N GLU B 224 16.43 -23.31 19.39
CA GLU B 224 17.55 -23.21 20.32
C GLU B 224 18.52 -22.06 19.98
N GLN B 225 18.67 -21.78 18.68
CA GLN B 225 19.54 -20.69 18.22
C GLN B 225 18.86 -19.35 18.48
N LEU B 226 17.55 -19.31 18.25
CA LEU B 226 16.76 -18.12 18.55
C LEU B 226 16.88 -17.79 20.04
N LEU B 227 16.75 -18.83 20.86
CA LEU B 227 16.82 -18.66 22.31
C LEU B 227 18.16 -18.10 22.74
N GLU B 228 19.23 -18.62 22.17
CA GLU B 228 20.57 -18.12 22.51
C GLU B 228 20.77 -16.67 22.10
N SER B 229 20.29 -16.28 20.93
CA SER B 229 20.33 -14.88 20.56
C SER B 229 19.57 -13.99 21.55
N LEU B 230 18.39 -14.44 21.99
CA LEU B 230 17.63 -13.64 22.96
C LEU B 230 18.39 -13.48 24.27
N ARG B 231 18.93 -14.59 24.74
CA ARG B 231 19.69 -14.62 25.98
C ARG B 231 20.90 -13.71 25.88
N ALA B 232 21.59 -13.80 24.75
CA ALA B 232 22.82 -13.04 24.53
C ALA B 232 22.57 -11.53 24.59
N ALA B 233 21.38 -11.08 24.18
CA ALA B 233 21.10 -9.65 24.15
C ALA B 233 20.77 -9.11 25.53
N GLY B 234 20.42 -10.00 26.46
CA GLY B 234 20.04 -9.61 27.81
C GLY B 234 18.66 -10.02 28.29
N PHE B 235 17.90 -10.72 27.45
CA PHE B 235 16.58 -11.20 27.86
C PHE B 235 16.67 -12.37 28.84
N GLU B 236 15.74 -12.40 29.80
CA GLU B 236 15.38 -13.65 30.51
C GLU B 236 14.36 -14.45 29.72
N ILE B 237 14.62 -15.74 29.56
CA ILE B 237 13.64 -16.59 28.91
C ILE B 237 12.56 -17.05 29.88
N LEU B 238 11.30 -16.76 29.55
CA LEU B 238 10.20 -17.22 30.38
C LEU B 238 9.66 -18.57 29.98
N ASP B 239 9.59 -18.84 28.68
CA ASP B 239 8.96 -20.04 28.18
C ASP B 239 9.31 -20.31 26.73
N TRP B 240 9.45 -21.57 26.38
CA TRP B 240 9.51 -22.04 25.02
C TRP B 240 8.46 -23.13 24.89
N GLU B 241 7.62 -23.03 23.88
CA GLU B 241 6.68 -24.09 23.53
C GLU B 241 6.98 -24.49 22.12
N ASP B 242 7.27 -25.78 21.93
CA ASP B 242 7.38 -26.33 20.59
C ASP B 242 5.98 -26.74 20.16
N VAL B 243 5.45 -26.05 19.14
CA VAL B 243 4.06 -26.27 18.73
C VAL B 243 4.05 -26.78 17.31
N SER B 244 5.15 -27.41 16.91
CA SER B 244 5.25 -27.89 15.53
C SER B 244 4.11 -28.82 15.15
N SER B 245 3.67 -29.67 16.08
CA SER B 245 2.57 -30.61 15.82
C SER B 245 1.25 -29.90 15.55
N ARG B 246 1.11 -28.66 16.01
CA ARG B 246 -0.11 -27.88 15.85
C ARG B 246 -0.13 -27.03 14.60
N THR B 247 1.04 -26.73 14.06
CA THR B 247 1.15 -25.81 12.92
C THR B 247 1.39 -26.53 11.57
N ARG B 248 1.54 -27.85 11.58
CA ARG B 248 1.99 -28.59 10.41
C ARG B 248 0.98 -28.56 9.30
N TYR B 249 -0.27 -28.21 9.62
CA TYR B 249 -1.32 -28.13 8.61
C TYR B 249 -1.16 -26.90 7.73
N PHE B 250 -0.37 -25.93 8.17
CA PHE B 250 -0.33 -24.65 7.46
C PHE B 250 0.20 -24.76 6.03
N MET B 251 1.42 -25.28 5.82
CA MET B 251 1.98 -25.24 4.48
C MET B 251 1.10 -25.99 3.47
N PRO B 252 0.63 -27.20 3.79
CA PRO B 252 -0.22 -27.85 2.78
C PRO B 252 -1.52 -27.07 2.49
N GLN B 253 -2.13 -26.48 3.52
CA GLN B 253 -3.41 -25.81 3.34
C GLN B 253 -3.23 -24.45 2.63
N PHE B 254 -2.18 -23.70 2.98
CA PHE B 254 -1.92 -22.44 2.30
C PHE B 254 -1.51 -22.68 0.83
N ALA B 255 -0.80 -23.76 0.58
CA ALA B 255 -0.39 -24.10 -0.80
C ALA B 255 -1.63 -24.38 -1.64
N GLU B 256 -2.59 -25.10 -1.08
CA GLU B 256 -3.84 -25.36 -1.77
C GLU B 256 -4.56 -24.04 -2.08
N GLU B 257 -4.63 -23.13 -1.12
CA GLU B 257 -5.26 -21.83 -1.33
C GLU B 257 -4.56 -20.98 -2.39
N LEU B 258 -3.24 -20.97 -2.34
CA LEU B 258 -2.43 -20.18 -3.25
C LEU B 258 -2.63 -20.68 -4.68
N ALA B 259 -2.63 -21.98 -4.84
CA ALA B 259 -2.75 -22.58 -6.17
C ALA B 259 -4.08 -22.25 -6.80
N ALA B 260 -5.14 -22.23 -6.01
CA ALA B 260 -6.44 -21.86 -6.52
C ALA B 260 -6.34 -20.46 -7.13
N HIS B 261 -5.64 -19.56 -6.45
CA HIS B 261 -5.50 -18.17 -6.90
C HIS B 261 -4.22 -17.96 -7.76
N GLN B 262 -3.76 -18.97 -8.49
CA GLN B 262 -2.40 -18.94 -9.06
C GLN B 262 -2.25 -18.48 -10.51
N HIS B 263 -3.35 -18.38 -11.23
CA HIS B 263 -3.22 -18.10 -12.63
C HIS B 263 -2.49 -16.78 -12.84
N GLY B 264 -1.55 -16.83 -13.78
CA GLY B 264 -0.83 -15.66 -14.25
C GLY B 264 -0.02 -14.88 -13.24
N ILE B 265 0.53 -15.58 -12.24
CA ILE B 265 1.35 -14.91 -11.24
C ILE B 265 2.59 -14.32 -11.91
N ALA B 266 3.24 -15.08 -12.77
CA ALA B 266 4.50 -14.62 -13.38
C ALA B 266 4.25 -13.39 -14.23
N ASP B 267 3.09 -13.34 -14.90
CA ASP B 267 2.74 -12.20 -15.73
C ASP B 267 2.41 -10.96 -14.90
N ARG B 268 1.75 -11.12 -13.77
CA ARG B 268 1.37 -9.96 -12.96
C ARG B 268 2.41 -9.50 -11.94
N TYR B 269 3.11 -10.45 -11.33
CA TYR B 269 4.03 -10.11 -10.26
C TYR B 269 5.51 -10.37 -10.60
N GLY B 270 5.76 -11.06 -11.71
CA GLY B 270 7.12 -11.33 -12.11
C GLY B 270 7.53 -12.75 -11.79
N PRO B 271 8.63 -13.22 -12.40
CA PRO B 271 8.96 -14.62 -12.16
C PRO B 271 9.44 -14.91 -10.75
N ALA B 272 9.98 -13.92 -10.03
CA ALA B 272 10.48 -14.15 -8.68
C ALA B 272 9.34 -14.51 -7.72
N VAL B 273 8.26 -13.73 -7.78
CA VAL B 273 7.07 -14.01 -6.97
C VAL B 273 6.52 -15.34 -7.44
N ALA B 274 6.52 -15.59 -8.74
CA ALA B 274 6.09 -16.89 -9.23
C ALA B 274 6.94 -18.04 -8.68
N GLY B 275 8.24 -17.79 -8.56
CA GLY B 275 9.17 -18.77 -8.04
C GLY B 275 8.92 -19.07 -6.57
N TRP B 276 8.63 -18.00 -5.83
CA TRP B 276 8.30 -18.12 -4.42
C TRP B 276 7.02 -18.94 -4.29
N ALA B 277 6.05 -18.65 -5.13
CA ALA B 277 4.79 -19.38 -5.09
C ALA B 277 5.00 -20.85 -5.38
N ALA B 278 5.87 -21.15 -6.35
CA ALA B 278 6.14 -22.52 -6.72
C ALA B 278 6.81 -23.24 -5.56
N ALA B 279 7.67 -22.50 -4.85
CA ALA B 279 8.40 -23.03 -3.69
C ALA B 279 7.42 -23.38 -2.58
N VAL B 280 6.43 -22.51 -2.36
CA VAL B 280 5.37 -22.78 -1.38
C VAL B 280 4.63 -24.04 -1.77
N CYS B 281 4.29 -24.14 -3.04
CA CYS B 281 3.55 -25.28 -3.54
C CYS B 281 4.41 -26.53 -3.59
N ASP B 282 5.74 -26.37 -3.51
CA ASP B 282 6.66 -27.50 -3.43
C ASP B 282 6.94 -27.98 -1.98
N TYR B 283 6.03 -27.64 -1.06
CA TYR B 283 6.25 -27.87 0.37
C TYR B 283 6.52 -29.33 0.73
N GLU B 284 6.02 -30.28 -0.06
CA GLU B 284 6.22 -31.70 0.26
C GLU B 284 7.70 -32.07 0.36
N LYS B 285 8.52 -31.32 -0.34
CA LYS B 285 9.95 -31.60 -0.40
C LYS B 285 10.71 -31.19 0.87
N TYR B 286 10.12 -30.33 1.70
CA TYR B 286 10.85 -29.79 2.86
C TYR B 286 9.99 -29.53 4.11
N ALA B 287 8.67 -29.39 3.98
CA ALA B 287 7.87 -28.87 5.12
C ALA B 287 7.92 -29.82 6.31
N HIS B 288 8.17 -31.10 6.03
CA HIS B 288 8.27 -32.12 7.07
C HIS B 288 9.39 -31.87 8.08
N ASP B 289 10.41 -31.13 7.66
CA ASP B 289 11.53 -30.76 8.52
C ASP B 289 11.34 -29.45 9.31
N MET B 290 10.33 -28.69 8.93
CA MET B 290 9.98 -27.44 9.59
C MET B 290 9.22 -27.71 10.85
N GLY B 291 9.41 -26.83 11.82
CA GLY B 291 8.62 -26.83 13.03
C GLY B 291 8.25 -25.40 13.39
N TYR B 292 7.79 -25.18 14.62
CA TYR B 292 7.30 -23.86 14.99
C TYR B 292 7.51 -23.66 16.47
N ALA B 293 7.88 -22.44 16.85
CA ALA B 293 8.18 -22.12 18.24
C ALA B 293 7.42 -20.90 18.70
N ILE B 294 6.86 -20.95 19.91
CA ILE B 294 6.40 -19.77 20.61
C ILE B 294 7.34 -19.53 21.79
N LEU B 295 8.03 -18.39 21.81
CA LEU B 295 8.97 -18.02 22.87
C LEU B 295 8.45 -16.80 23.64
N THR B 296 8.59 -16.81 24.96
CA THR B 296 8.29 -15.64 25.79
C THR B 296 9.57 -15.26 26.54
N ALA B 297 9.92 -13.99 26.49
CA ALA B 297 11.13 -13.51 27.13
C ALA B 297 10.83 -12.18 27.79
N ARG B 298 11.67 -11.79 28.73
CA ARG B 298 11.42 -10.54 29.43
C ARG B 298 12.70 -9.76 29.71
N LYS B 299 12.55 -8.44 29.72
CA LYS B 299 13.62 -7.53 30.13
C LYS B 299 13.72 -7.66 31.63
N PRO B 300 14.93 -7.88 32.17
CA PRO B 300 15.03 -8.00 33.63
C PRO B 300 14.34 -6.85 34.34
N VAL B 301 13.69 -7.15 35.46
CA VAL B 301 13.02 -6.14 36.27
C VAL B 301 14.05 -5.18 36.85
N GLY B 302 13.57 -4.00 37.23
CA GLY B 302 14.42 -2.93 37.71
C GLY B 302 13.67 -1.60 37.66
#